data_1D8L
#
_entry.id   1D8L
#
_cell.length_a   79.600
_cell.length_b   115.600
_cell.length_c   34.800
_cell.angle_alpha   90.00
_cell.angle_beta   90.00
_cell.angle_gamma   90.00
#
_symmetry.space_group_name_H-M   'P 21 21 2'
#
loop_
_entity.id
_entity.type
_entity.pdbx_description
1 polymer 'PROTEIN (HOLLIDAY JUNCTION DNA HELICASE RUVA)'
2 water water
#
_entity_poly.entity_id   1
_entity_poly.type   'polypeptide(L)'
_entity_poly.pdbx_seq_one_letter_code
;MIGRLRGIIIEKQPPLVLIEVGGVGYEVHMPMTCFYELPEAGQEAIVFTHFVVREDAQLLYGFNNKQERTLFKELIKTNG
VGPKLALAILSGMSAQQFVNAVEREEVGALVKLPGIGKKTAERLIVEMKDRFKGLHGDLFTPAADLVLT
;
_entity_poly.pdbx_strand_id   A,B
#
# COMPACT_ATOMS: atom_id res chain seq x y z
N MET A 1 14.47 0.28 10.31
CA MET A 1 14.66 0.68 11.73
C MET A 1 13.38 0.48 12.54
N ILE A 2 12.23 0.42 11.90
CA ILE A 2 10.97 0.09 12.55
C ILE A 2 10.85 -1.43 12.66
N GLY A 3 10.95 -2.00 13.86
CA GLY A 3 10.86 -3.43 14.04
C GLY A 3 9.56 -3.93 14.68
N ARG A 4 8.74 -3.04 15.22
CA ARG A 4 7.47 -3.41 15.82
C ARG A 4 6.48 -2.23 15.83
N LEU A 5 5.21 -2.58 15.68
CA LEU A 5 4.12 -1.63 15.71
C LEU A 5 3.05 -2.13 16.68
N ARG A 6 2.61 -1.26 17.58
CA ARG A 6 1.55 -1.56 18.52
C ARG A 6 0.50 -0.45 18.43
N GLY A 7 -0.68 -0.78 17.94
CA GLY A 7 -1.72 0.21 17.81
C GLY A 7 -3.09 -0.43 17.59
N ILE A 8 -4.01 0.37 17.07
CA ILE A 8 -5.36 -0.08 16.81
C ILE A 8 -5.63 -0.48 15.36
N ILE A 9 -6.26 -1.64 15.21
CA ILE A 9 -6.64 -2.11 13.88
C ILE A 9 -7.81 -1.28 13.38
N ILE A 10 -7.66 -0.59 12.26
CA ILE A 10 -8.68 0.25 11.67
C ILE A 10 -9.48 -0.47 10.57
N GLU A 11 -8.79 -1.23 9.74
CA GLU A 11 -9.42 -1.99 8.67
C GLU A 11 -8.48 -3.10 8.21
N LYS A 12 -9.09 -4.21 7.83
CA LYS A 12 -8.39 -5.38 7.33
C LYS A 12 -8.86 -5.63 5.90
N GLN A 13 -7.95 -5.66 4.94
CA GLN A 13 -8.24 -5.94 3.55
C GLN A 13 -7.04 -6.70 3.00
N PRO A 14 -6.93 -7.97 3.35
CA PRO A 14 -5.84 -8.83 2.90
C PRO A 14 -5.50 -8.54 1.45
N PRO A 15 -4.23 -8.30 1.17
CA PRO A 15 -3.18 -8.45 2.16
C PRO A 15 -2.86 -7.27 3.05
N LEU A 16 -3.62 -6.20 3.00
CA LEU A 16 -3.39 -5.02 3.82
C LEU A 16 -4.07 -5.00 5.18
N VAL A 17 -3.41 -4.34 6.13
CA VAL A 17 -3.92 -4.05 7.45
C VAL A 17 -3.54 -2.59 7.74
N LEU A 18 -4.51 -1.78 8.13
CA LEU A 18 -4.26 -0.41 8.53
C LEU A 18 -4.23 -0.42 10.06
N ILE A 19 -3.05 -0.07 10.59
CA ILE A 19 -2.93 -0.05 12.05
C ILE A 19 -2.48 1.35 12.45
N GLU A 20 -3.32 1.96 13.28
CA GLU A 20 -3.17 3.31 13.77
C GLU A 20 -2.38 3.31 15.06
N VAL A 21 -1.25 4.00 15.04
CA VAL A 21 -0.34 4.16 16.16
C VAL A 21 -0.27 5.67 16.38
N GLY A 22 -0.72 6.18 17.51
CA GLY A 22 -0.83 7.65 17.62
C GLY A 22 -2.02 7.99 16.71
N GLY A 23 -1.83 8.88 15.76
CA GLY A 23 -2.94 9.14 14.80
C GLY A 23 -2.38 8.78 13.41
N VAL A 24 -1.20 8.16 13.41
CA VAL A 24 -0.59 7.75 12.14
C VAL A 24 -1.12 6.38 11.72
N GLY A 25 -1.88 6.35 10.62
CA GLY A 25 -2.38 5.09 10.09
C GLY A 25 -1.34 4.46 9.17
N TYR A 26 -0.72 3.36 9.62
CA TYR A 26 0.28 2.65 8.86
C TYR A 26 -0.23 1.47 8.05
N GLU A 27 0.20 1.36 6.79
CA GLU A 27 -0.17 0.22 5.95
C GLU A 27 0.84 -0.92 6.06
N VAL A 28 0.38 -2.07 6.53
CA VAL A 28 1.21 -3.25 6.74
C VAL A 28 0.79 -4.42 5.85
N HIS A 29 1.74 -5.04 5.17
CA HIS A 29 1.48 -6.16 4.28
C HIS A 29 1.76 -7.48 4.99
N MET A 30 0.76 -8.34 5.13
CA MET A 30 0.96 -9.57 5.86
C MET A 30 0.57 -10.81 5.04
N PRO A 31 1.22 -11.92 5.36
CA PRO A 31 0.89 -13.21 4.78
C PRO A 31 -0.57 -13.52 5.07
N MET A 32 -1.30 -14.09 4.12
CA MET A 32 -2.72 -14.40 4.31
C MET A 32 -3.02 -15.14 5.60
N THR A 33 -2.26 -16.17 5.94
CA THR A 33 -2.44 -16.95 7.15
C THR A 33 -2.44 -16.14 8.44
N CYS A 34 -1.76 -15.02 8.50
CA CYS A 34 -1.64 -14.14 9.64
C CYS A 34 -2.95 -13.46 9.99
N PHE A 35 -3.87 -13.32 9.04
CA PHE A 35 -5.17 -12.71 9.26
C PHE A 35 -6.12 -13.53 10.12
N TYR A 36 -5.82 -14.78 10.45
CA TYR A 36 -6.67 -15.58 11.31
C TYR A 36 -6.34 -15.38 12.78
N GLU A 37 -5.23 -14.70 13.03
CA GLU A 37 -4.72 -14.43 14.36
C GLU A 37 -4.93 -12.98 14.79
N LEU A 38 -5.36 -12.13 13.87
CA LEU A 38 -5.53 -10.72 14.20
C LEU A 38 -6.78 -10.34 14.98
N PRO A 39 -6.60 -9.62 16.09
CA PRO A 39 -7.70 -9.11 16.88
C PRO A 39 -8.71 -8.41 15.99
N GLU A 40 -9.96 -8.28 16.40
CA GLU A 40 -10.96 -7.62 15.58
C GLU A 40 -10.69 -6.13 15.43
N ALA A 41 -11.28 -5.52 14.40
CA ALA A 41 -11.11 -4.09 14.18
C ALA A 41 -11.55 -3.32 15.41
N GLY A 42 -10.72 -2.42 15.92
CA GLY A 42 -11.05 -1.59 17.07
C GLY A 42 -10.21 -1.95 18.28
N GLN A 43 -9.55 -3.09 18.21
CA GLN A 43 -8.70 -3.58 19.29
C GLN A 43 -7.22 -3.42 18.94
N GLU A 44 -6.36 -3.51 19.93
CA GLU A 44 -4.94 -3.35 19.87
C GLU A 44 -4.25 -4.61 19.34
N ALA A 45 -3.23 -4.40 18.50
CA ALA A 45 -2.48 -5.52 17.94
C ALA A 45 -0.99 -5.21 17.96
N ILE A 46 -0.18 -6.23 18.17
CA ILE A 46 1.27 -6.10 18.12
C ILE A 46 1.76 -6.88 16.90
N VAL A 47 2.35 -6.22 15.92
CA VAL A 47 2.88 -6.89 14.73
C VAL A 47 4.39 -6.65 14.58
N PHE A 48 5.10 -7.73 14.26
CA PHE A 48 6.53 -7.62 14.01
C PHE A 48 6.71 -7.21 12.55
N THR A 49 7.47 -6.14 12.33
CA THR A 49 7.62 -5.59 11.00
C THR A 49 9.03 -5.68 10.43
N HIS A 50 9.10 -5.60 9.10
CA HIS A 50 10.34 -5.55 8.35
C HIS A 50 10.20 -4.36 7.40
N PHE A 51 11.04 -3.35 7.56
CA PHE A 51 10.96 -2.15 6.73
C PHE A 51 11.76 -2.27 5.43
N VAL A 52 11.11 -2.25 4.27
CA VAL A 52 11.87 -2.31 3.02
C VAL A 52 11.78 -0.91 2.39
N VAL A 53 12.99 -0.42 2.17
CA VAL A 53 13.25 0.88 1.58
C VAL A 53 13.87 0.75 0.19
N ARG A 54 13.27 1.47 -0.73
CA ARG A 54 13.82 1.57 -2.09
C ARG A 54 13.71 3.04 -2.48
N GLU A 55 14.32 3.44 -3.58
CA GLU A 55 14.33 4.82 -4.02
C GLU A 55 12.93 5.40 -4.19
N ASP A 56 12.01 4.63 -4.71
CA ASP A 56 10.65 5.05 -4.98
C ASP A 56 9.61 4.52 -4.00
N ALA A 57 10.00 3.74 -3.00
CA ALA A 57 9.01 3.18 -2.10
C ALA A 57 9.48 2.92 -0.68
N GLN A 58 8.53 2.99 0.23
CA GLN A 58 8.77 2.71 1.65
C GLN A 58 7.65 1.76 2.09
N LEU A 59 8.01 0.51 2.32
CA LEU A 59 7.01 -0.49 2.64
C LEU A 59 7.27 -1.20 3.97
N LEU A 60 6.17 -1.73 4.49
CA LEU A 60 6.17 -2.46 5.75
C LEU A 60 5.52 -3.84 5.56
N TYR A 61 6.26 -4.86 5.96
CA TYR A 61 5.83 -6.24 5.94
C TYR A 61 5.65 -6.67 7.40
N GLY A 62 4.48 -7.18 7.75
CA GLY A 62 4.16 -7.53 9.12
C GLY A 62 3.82 -8.97 9.40
N PHE A 63 4.32 -9.46 10.54
CA PHE A 63 4.16 -10.85 10.96
C PHE A 63 3.59 -10.91 12.37
N ASN A 64 2.99 -12.06 12.70
CA ASN A 64 2.40 -12.22 14.03
C ASN A 64 3.50 -12.54 15.04
N ASN A 65 4.50 -13.28 14.59
CA ASN A 65 5.61 -13.64 15.47
C ASN A 65 6.95 -13.42 14.78
N LYS A 66 8.00 -13.38 15.59
CA LYS A 66 9.36 -13.17 15.12
C LYS A 66 9.87 -14.31 14.27
N GLN A 67 9.45 -15.54 14.54
CA GLN A 67 9.84 -16.69 13.73
C GLN A 67 9.51 -16.45 12.26
N GLU A 68 8.29 -16.03 11.94
CA GLU A 68 7.88 -15.76 10.58
C GLU A 68 8.62 -14.57 9.96
N ARG A 69 9.04 -13.61 10.76
CA ARG A 69 9.75 -12.45 10.22
C ARG A 69 11.15 -12.89 9.79
N THR A 70 11.75 -13.73 10.62
CA THR A 70 13.06 -14.28 10.31
C THR A 70 13.00 -15.04 8.98
N LEU A 71 11.99 -15.88 8.86
CA LEU A 71 11.85 -16.69 7.65
C LEU A 71 11.79 -15.75 6.46
N PHE A 72 10.83 -14.83 6.49
CA PHE A 72 10.69 -13.84 5.43
C PHE A 72 11.99 -13.14 5.05
N LYS A 73 12.79 -12.68 5.99
CA LYS A 73 14.03 -11.99 5.78
C LYS A 73 15.07 -12.86 5.04
N GLU A 74 15.16 -14.13 5.45
CA GLU A 74 16.08 -15.06 4.82
C GLU A 74 15.62 -15.38 3.40
N LEU A 75 14.33 -15.58 3.22
CA LEU A 75 13.70 -15.86 1.96
C LEU A 75 14.07 -14.85 0.87
N ILE A 76 13.94 -13.57 1.18
CA ILE A 76 14.22 -12.48 0.26
C ILE A 76 15.70 -12.20 0.04
N LYS A 77 16.58 -12.95 0.68
CA LYS A 77 18.01 -12.85 0.48
C LYS A 77 18.42 -13.68 -0.74
N THR A 78 17.49 -14.48 -1.28
CA THR A 78 17.79 -15.30 -2.44
C THR A 78 17.36 -14.55 -3.69
N ASN A 79 18.11 -14.80 -4.77
CA ASN A 79 17.85 -14.13 -6.05
C ASN A 79 16.63 -14.74 -6.72
N GLY A 80 15.68 -13.90 -7.12
CA GLY A 80 14.46 -14.37 -7.76
C GLY A 80 13.28 -14.29 -6.79
N VAL A 81 13.56 -14.32 -5.49
CA VAL A 81 12.56 -14.24 -4.44
C VAL A 81 12.52 -12.86 -3.77
N GLY A 82 11.57 -12.02 -4.15
CA GLY A 82 11.42 -10.72 -3.51
C GLY A 82 10.28 -10.75 -2.50
N PRO A 83 9.99 -9.64 -1.86
CA PRO A 83 8.92 -9.52 -0.89
C PRO A 83 7.63 -10.17 -1.31
N LYS A 84 7.11 -9.84 -2.48
CA LYS A 84 5.89 -10.40 -3.04
C LYS A 84 5.89 -11.92 -3.13
N LEU A 85 7.00 -12.52 -3.53
CA LEU A 85 7.09 -13.97 -3.65
C LEU A 85 7.16 -14.63 -2.29
N ALA A 86 7.88 -14.00 -1.36
CA ALA A 86 8.01 -14.48 0.00
C ALA A 86 6.67 -14.44 0.74
N LEU A 87 5.82 -13.48 0.41
CA LEU A 87 4.50 -13.38 0.98
C LEU A 87 3.67 -14.59 0.53
N ALA A 88 3.68 -14.86 -0.77
CA ALA A 88 2.90 -15.99 -1.29
C ALA A 88 3.38 -17.29 -0.67
N ILE A 89 4.70 -17.49 -0.56
CA ILE A 89 5.19 -18.71 0.07
C ILE A 89 4.56 -18.86 1.45
N LEU A 90 4.59 -17.82 2.28
CA LEU A 90 4.09 -17.86 3.65
C LEU A 90 2.59 -17.81 3.76
N SER A 91 1.91 -17.47 2.68
CA SER A 91 0.46 -17.48 2.60
C SER A 91 -0.01 -18.89 2.19
N GLY A 92 0.82 -19.55 1.42
CA GLY A 92 0.53 -20.86 0.87
C GLY A 92 0.79 -22.02 1.82
N MET A 93 1.61 -21.82 2.84
CA MET A 93 1.92 -22.88 3.80
C MET A 93 2.39 -22.27 5.11
N SER A 94 2.22 -23.01 6.20
CA SER A 94 2.65 -22.52 7.51
C SER A 94 4.16 -22.39 7.54
N ALA A 95 4.68 -21.91 8.67
CA ALA A 95 6.13 -21.75 8.83
C ALA A 95 6.76 -23.13 9.00
N GLN A 96 6.04 -24.01 9.68
CA GLN A 96 6.50 -25.36 9.96
C GLN A 96 6.50 -26.22 8.71
N GLN A 97 5.50 -26.06 7.85
CA GLN A 97 5.44 -26.81 6.60
C GLN A 97 6.68 -26.53 5.76
N PHE A 98 6.95 -25.25 5.55
CA PHE A 98 8.08 -24.76 4.76
C PHE A 98 9.41 -25.32 5.25
N VAL A 99 9.63 -25.34 6.56
CA VAL A 99 10.86 -25.88 7.12
C VAL A 99 10.93 -27.38 6.90
N ASN A 100 9.81 -28.07 7.12
CA ASN A 100 9.74 -29.51 6.92
C ASN A 100 10.00 -29.86 5.45
N ALA A 101 9.40 -29.14 4.53
CA ALA A 101 9.59 -29.33 3.11
C ALA A 101 11.03 -29.05 2.68
N VAL A 102 11.65 -28.00 3.19
CA VAL A 102 13.02 -27.66 2.84
C VAL A 102 14.01 -28.69 3.34
N GLU A 103 13.86 -29.13 4.59
CA GLU A 103 14.77 -30.10 5.19
C GLU A 103 14.90 -31.41 4.43
N ARG A 104 13.85 -31.89 3.78
CA ARG A 104 13.90 -33.13 3.02
C ARG A 104 13.94 -32.90 1.52
N GLU A 105 14.39 -31.73 1.09
CA GLU A 105 14.53 -31.38 -0.31
C GLU A 105 13.26 -31.60 -1.12
N GLU A 106 12.11 -31.22 -0.57
CA GLU A 106 10.84 -31.40 -1.24
C GLU A 106 10.50 -30.23 -2.14
N VAL A 107 10.95 -30.32 -3.39
CA VAL A 107 10.70 -29.26 -4.37
C VAL A 107 9.26 -29.23 -4.81
N GLY A 108 8.58 -30.36 -4.81
CA GLY A 108 7.19 -30.48 -5.20
C GLY A 108 6.24 -29.56 -4.45
N ALA A 109 6.49 -29.36 -3.15
CA ALA A 109 5.72 -28.47 -2.32
C ALA A 109 5.70 -27.04 -2.85
N LEU A 110 6.87 -26.54 -3.21
CA LEU A 110 7.06 -25.18 -3.66
C LEU A 110 6.61 -24.87 -5.08
N VAL A 111 6.59 -25.84 -5.99
CA VAL A 111 6.16 -25.57 -7.37
C VAL A 111 4.65 -25.37 -7.48
N LYS A 112 3.87 -25.79 -6.50
CA LYS A 112 2.43 -25.58 -6.49
C LYS A 112 2.05 -24.11 -6.28
N LEU A 113 2.77 -23.43 -5.39
CA LEU A 113 2.48 -22.04 -5.09
C LEU A 113 2.60 -21.14 -6.33
N PRO A 114 1.98 -19.97 -6.24
CA PRO A 114 1.96 -18.99 -7.31
C PRO A 114 3.31 -18.56 -7.83
N GLY A 115 3.45 -18.52 -9.15
CA GLY A 115 4.61 -18.12 -9.89
C GLY A 115 5.97 -18.28 -9.22
N ILE A 116 6.28 -19.46 -8.72
CA ILE A 116 7.55 -19.72 -8.05
C ILE A 116 8.67 -19.90 -9.06
N GLY A 117 8.74 -21.07 -9.68
CA GLY A 117 9.76 -21.41 -10.64
C GLY A 117 10.40 -22.75 -10.28
N LYS A 118 10.43 -23.66 -11.24
CA LYS A 118 11.01 -24.99 -11.06
C LYS A 118 12.47 -24.92 -10.63
N LYS A 119 13.26 -24.10 -11.32
CA LYS A 119 14.67 -23.94 -10.99
C LYS A 119 14.83 -23.08 -9.75
N THR A 120 13.90 -22.16 -9.50
CA THR A 120 13.99 -21.29 -8.32
C THR A 120 13.71 -22.08 -7.05
N ALA A 121 12.76 -23.01 -7.13
CA ALA A 121 12.39 -23.88 -6.03
C ALA A 121 13.61 -24.66 -5.54
N GLU A 122 14.31 -25.32 -6.46
CA GLU A 122 15.51 -26.07 -6.18
C GLU A 122 16.59 -25.19 -5.58
N ARG A 123 16.71 -23.98 -6.12
CA ARG A 123 17.65 -22.98 -5.62
C ARG A 123 17.27 -22.62 -4.18
N LEU A 124 15.98 -22.33 -3.99
CA LEU A 124 15.45 -21.97 -2.69
C LEU A 124 15.79 -23.02 -1.63
N ILE A 125 15.52 -24.28 -1.93
CA ILE A 125 15.76 -25.40 -1.04
C ILE A 125 17.22 -25.56 -0.64
N VAL A 126 18.16 -25.37 -1.55
CA VAL A 126 19.57 -25.49 -1.22
C VAL A 126 19.99 -24.39 -0.26
N GLU A 127 19.71 -23.14 -0.62
CA GLU A 127 20.10 -21.99 0.18
C GLU A 127 19.47 -21.99 1.57
N MET A 128 18.15 -22.15 1.64
CA MET A 128 17.45 -22.19 2.91
C MET A 128 18.01 -23.25 3.85
N LYS A 129 18.31 -24.45 3.37
CA LYS A 129 18.88 -25.48 4.23
C LYS A 129 20.23 -25.03 4.79
N ASP A 130 21.05 -24.38 3.98
CA ASP A 130 22.32 -23.84 4.41
C ASP A 130 22.11 -22.70 5.41
N ARG A 131 21.12 -21.85 5.14
CA ARG A 131 20.81 -20.70 5.97
C ARG A 131 20.21 -21.06 7.32
N PHE A 132 19.41 -22.12 7.39
CA PHE A 132 18.76 -22.57 8.61
C PHE A 132 19.69 -22.97 9.74
N LYS A 133 20.88 -23.48 9.47
CA LYS A 133 21.80 -23.92 10.50
C LYS A 133 22.38 -22.84 11.39
N GLY A 134 22.27 -21.56 11.03
CA GLY A 134 22.78 -20.48 11.85
C GLY A 134 21.69 -19.60 12.45
N LEU A 135 20.80 -20.16 13.25
CA LEU A 135 19.74 -19.38 13.89
C LEU A 135 19.03 -20.13 15.00
N HIS A 136 17.94 -19.54 15.50
CA HIS A 136 17.15 -20.11 16.60
C HIS A 136 15.67 -19.76 16.49
N GLY A 137 14.82 -20.46 17.23
CA GLY A 137 13.40 -20.17 17.21
C GLY A 137 12.49 -21.28 17.71
N ASP A 138 11.24 -20.93 17.96
CA ASP A 138 10.21 -21.84 18.43
C ASP A 138 9.81 -22.84 17.34
N LEU A 139 9.85 -22.41 16.09
CA LEU A 139 9.52 -23.26 14.95
C LEU A 139 10.68 -24.18 14.58
N PHE A 140 11.90 -23.79 14.92
CA PHE A 140 13.07 -24.62 14.65
C PHE A 140 13.40 -24.63 13.16
N MET B 1 3.80 3.84 2.93
CA MET B 1 3.54 3.11 4.19
C MET B 1 2.54 3.82 5.10
N ILE B 2 2.34 5.12 4.87
CA ILE B 2 1.38 5.90 5.64
C ILE B 2 0.07 5.96 4.86
N GLY B 3 -0.97 5.28 5.38
CA GLY B 3 -2.25 5.20 4.73
C GLY B 3 -3.30 6.16 5.23
N ARG B 4 -3.08 6.72 6.42
CA ARG B 4 -4.10 7.61 6.99
C ARG B 4 -3.57 8.49 8.09
N LEU B 5 -4.11 9.71 8.14
CA LEU B 5 -3.75 10.68 9.17
C LEU B 5 -5.02 11.18 9.89
N ARG B 6 -4.92 11.19 11.20
CA ARG B 6 -5.96 11.67 12.09
C ARG B 6 -5.29 12.63 13.07
N GLY B 7 -5.71 13.88 13.02
CA GLY B 7 -5.12 14.89 13.90
C GLY B 7 -5.88 16.20 13.71
N ILE B 8 -5.28 17.23 14.30
CA ILE B 8 -5.84 18.55 14.29
C ILE B 8 -5.40 19.41 13.12
N ILE B 9 -6.39 19.93 12.40
CA ILE B 9 -6.10 20.83 11.29
C ILE B 9 -5.46 22.08 11.91
N ILE B 10 -4.22 22.36 11.51
CA ILE B 10 -3.51 23.53 12.03
C ILE B 10 -3.77 24.71 11.12
N GLU B 11 -3.60 24.52 9.82
CA GLU B 11 -3.86 25.56 8.83
C GLU B 11 -4.24 24.95 7.48
N LYS B 12 -4.93 25.74 6.67
CA LYS B 12 -5.41 25.33 5.37
C LYS B 12 -5.04 26.34 4.30
N GLN B 13 -4.01 26.11 3.50
CA GLN B 13 -3.66 27.03 2.42
C GLN B 13 -3.61 26.28 1.09
N PRO B 14 -4.76 26.13 0.45
CA PRO B 14 -4.87 25.39 -0.81
C PRO B 14 -3.68 25.62 -1.71
N PRO B 15 -3.05 24.52 -2.13
CA PRO B 15 -3.57 23.19 -1.88
C PRO B 15 -3.03 22.45 -0.68
N LEU B 16 -2.28 23.08 0.21
CA LEU B 16 -1.74 22.43 1.39
C LEU B 16 -2.63 22.43 2.62
N VAL B 17 -2.61 21.33 3.38
CA VAL B 17 -3.26 21.23 4.66
C VAL B 17 -2.16 20.86 5.67
N LEU B 18 -2.17 21.52 6.81
CA LEU B 18 -1.19 21.23 7.86
C LEU B 18 -1.98 20.55 8.99
N ILE B 19 -1.71 19.26 9.17
CA ILE B 19 -2.46 18.50 10.17
C ILE B 19 -1.45 18.01 11.20
N GLU B 20 -1.76 18.26 12.47
CA GLU B 20 -0.86 17.94 13.56
C GLU B 20 -1.30 16.62 14.18
N VAL B 21 -0.39 15.67 14.17
CA VAL B 21 -0.58 14.33 14.70
C VAL B 21 0.50 14.14 15.76
N GLY B 22 0.10 14.21 17.02
CA GLY B 22 1.11 14.18 18.10
C GLY B 22 1.62 15.63 18.11
N GLY B 23 2.90 15.84 17.86
CA GLY B 23 3.40 17.21 17.75
C GLY B 23 4.03 17.39 16.36
N VAL B 24 3.76 16.43 15.48
CA VAL B 24 4.34 16.49 14.13
C VAL B 24 3.35 17.07 13.15
N GLY B 25 3.63 18.25 12.63
CA GLY B 25 2.73 18.86 11.63
C GLY B 25 3.09 18.32 10.26
N TYR B 26 2.24 17.52 9.68
CA TYR B 26 2.40 16.89 8.38
C TYR B 26 1.77 17.72 7.26
N GLU B 27 2.53 17.94 6.18
CA GLU B 27 1.99 18.68 5.04
C GLU B 27 1.29 17.72 4.10
N VAL B 28 0.01 17.94 3.83
CA VAL B 28 -0.77 17.06 2.97
C VAL B 28 -1.28 17.85 1.77
N HIS B 29 -1.12 17.32 0.56
CA HIS B 29 -1.60 17.98 -0.64
C HIS B 29 -2.92 17.33 -1.08
N MET B 30 -4.00 18.11 -1.18
CA MET B 30 -5.27 17.52 -1.57
C MET B 30 -5.84 18.24 -2.79
N PRO B 31 -6.72 17.56 -3.52
CA PRO B 31 -7.43 18.18 -4.63
C PRO B 31 -8.30 19.30 -4.05
N MET B 32 -8.42 20.45 -4.69
CA MET B 32 -9.19 21.59 -4.23
C MET B 32 -10.60 21.30 -3.75
N THR B 33 -11.30 20.41 -4.44
CA THR B 33 -12.63 20.00 -4.05
C THR B 33 -12.62 19.42 -2.65
N CYS B 34 -11.65 18.57 -2.34
CA CYS B 34 -11.49 17.97 -1.02
C CYS B 34 -11.36 19.04 0.07
N PHE B 35 -10.67 20.12 -0.25
CA PHE B 35 -10.49 21.24 0.63
C PHE B 35 -11.74 21.86 1.22
N TYR B 36 -12.85 21.87 0.50
CA TYR B 36 -14.08 22.50 0.99
C TYR B 36 -14.91 21.55 1.83
N GLU B 37 -14.57 20.26 1.79
CA GLU B 37 -15.22 19.25 2.61
C GLU B 37 -14.57 19.12 3.98
N LEU B 38 -13.41 19.72 4.21
CA LEU B 38 -12.72 19.60 5.48
C LEU B 38 -13.27 20.51 6.58
N PRO B 39 -13.14 20.04 7.82
CA PRO B 39 -13.54 20.80 9.00
C PRO B 39 -12.74 22.08 9.11
N GLU B 40 -12.92 22.81 10.21
CA GLU B 40 -12.21 24.08 10.37
C GLU B 40 -10.95 23.89 11.20
N ALA B 41 -10.02 24.83 11.10
CA ALA B 41 -8.81 24.77 11.92
C ALA B 41 -9.19 24.55 13.37
N GLY B 42 -8.48 23.71 14.08
CA GLY B 42 -8.73 23.44 15.49
C GLY B 42 -9.44 22.10 15.71
N GLN B 43 -10.21 21.68 14.71
CA GLN B 43 -10.95 20.44 14.76
C GLN B 43 -10.17 19.27 14.17
N GLU B 44 -10.54 18.07 14.58
CA GLU B 44 -9.94 16.84 14.11
C GLU B 44 -10.45 16.48 12.72
N ALA B 45 -9.53 16.01 11.88
CA ALA B 45 -9.82 15.57 10.53
C ALA B 45 -9.17 14.20 10.29
N ILE B 46 -9.79 13.41 9.43
CA ILE B 46 -9.28 12.11 9.04
C ILE B 46 -9.09 12.14 7.52
N VAL B 47 -7.85 11.98 7.06
CA VAL B 47 -7.57 12.00 5.62
C VAL B 47 -6.87 10.71 5.16
N PHE B 48 -7.29 10.22 3.99
CA PHE B 48 -6.65 9.05 3.40
C PHE B 48 -5.49 9.56 2.58
N THR B 49 -4.30 9.06 2.87
CA THR B 49 -3.08 9.53 2.23
C THR B 49 -2.47 8.55 1.24
N HIS B 50 -1.71 9.09 0.30
CA HIS B 50 -0.90 8.30 -0.63
C HIS B 50 0.54 8.85 -0.52
N PHE B 51 1.47 8.05 -0.04
CA PHE B 51 2.85 8.49 0.18
C PHE B 51 3.74 8.27 -1.06
N VAL B 52 4.24 9.34 -1.66
CA VAL B 52 5.14 9.18 -2.80
C VAL B 52 6.56 9.54 -2.34
N VAL B 53 7.43 8.55 -2.55
CA VAL B 53 8.82 8.65 -2.20
C VAL B 53 9.68 8.77 -3.46
N ARG B 54 10.59 9.72 -3.45
CA ARG B 54 11.58 9.88 -4.51
C ARG B 54 12.88 10.31 -3.86
N GLU B 55 13.98 10.23 -4.59
CA GLU B 55 15.32 10.56 -4.13
C GLU B 55 15.44 11.92 -3.44
N ASP B 56 14.79 12.93 -3.99
CA ASP B 56 14.78 14.29 -3.54
C ASP B 56 13.55 14.68 -2.71
N ALA B 57 12.57 13.79 -2.51
CA ALA B 57 11.37 14.24 -1.82
C ALA B 57 10.48 13.16 -1.24
N GLN B 58 9.82 13.54 -0.14
CA GLN B 58 8.85 12.68 0.52
C GLN B 58 7.54 13.47 0.55
N LEU B 59 6.55 12.98 -0.19
CA LEU B 59 5.28 13.67 -0.29
C LEU B 59 4.06 12.88 0.14
N LEU B 60 3.11 13.65 0.66
CA LEU B 60 1.82 13.11 1.11
C LEU B 60 0.70 13.71 0.27
N TYR B 61 -0.13 12.83 -0.28
CA TYR B 61 -1.28 13.27 -1.06
C TYR B 61 -2.53 12.85 -0.28
N GLY B 62 -3.39 13.81 0.07
CA GLY B 62 -4.55 13.51 0.90
C GLY B 62 -5.91 13.60 0.28
N PHE B 63 -6.81 12.70 0.70
CA PHE B 63 -8.15 12.55 0.17
C PHE B 63 -9.20 12.35 1.27
N ASN B 64 -10.43 12.79 1.02
CA ASN B 64 -11.51 12.65 1.99
C ASN B 64 -12.07 11.23 2.06
N ASN B 65 -11.91 10.42 1.02
CA ASN B 65 -12.34 9.03 1.06
C ASN B 65 -11.44 8.12 0.23
N LYS B 66 -11.54 6.82 0.44
CA LYS B 66 -10.77 5.82 -0.29
C LYS B 66 -11.08 5.78 -1.78
N GLN B 67 -12.29 6.10 -2.22
CA GLN B 67 -12.59 6.09 -3.65
C GLN B 67 -11.72 7.09 -4.40
N GLU B 68 -11.52 8.28 -3.85
CA GLU B 68 -10.70 9.30 -4.49
C GLU B 68 -9.22 8.89 -4.50
N ARG B 69 -8.75 8.24 -3.44
CA ARG B 69 -7.38 7.79 -3.37
C ARG B 69 -7.08 6.73 -4.43
N THR B 70 -8.02 5.82 -4.64
CA THR B 70 -7.86 4.77 -5.65
C THR B 70 -7.79 5.39 -7.05
N LEU B 71 -8.70 6.32 -7.30
CA LEU B 71 -8.71 6.99 -8.60
C LEU B 71 -7.37 7.70 -8.82
N PHE B 72 -6.90 8.40 -7.78
CA PHE B 72 -5.65 9.09 -7.82
C PHE B 72 -4.50 8.15 -8.18
N LYS B 73 -4.40 7.04 -7.47
CA LYS B 73 -3.36 6.05 -7.67
C LYS B 73 -3.31 5.56 -9.12
N GLU B 74 -4.45 5.29 -9.72
CA GLU B 74 -4.57 4.83 -11.10
C GLU B 74 -4.25 5.92 -12.11
N LEU B 75 -4.67 7.15 -11.85
CA LEU B 75 -4.38 8.27 -12.73
C LEU B 75 -2.88 8.42 -12.96
N ILE B 76 -2.10 8.40 -11.89
CA ILE B 76 -0.66 8.60 -11.97
C ILE B 76 0.15 7.42 -12.50
N LYS B 77 -0.49 6.30 -12.82
CA LYS B 77 0.17 5.18 -13.45
C LYS B 77 0.25 5.39 -14.96
N THR B 78 -0.55 6.28 -15.53
CA THR B 78 -0.53 6.51 -16.97
C THR B 78 0.60 7.48 -17.29
N ASN B 79 1.20 7.35 -18.47
CA ASN B 79 2.33 8.20 -18.84
C ASN B 79 1.90 9.61 -19.19
N GLY B 80 2.65 10.58 -18.67
CA GLY B 80 2.35 11.98 -18.92
C GLY B 80 1.43 12.56 -17.85
N VAL B 81 1.00 11.73 -16.92
CA VAL B 81 0.14 12.10 -15.82
C VAL B 81 0.82 11.87 -14.47
N GLY B 82 1.30 12.97 -13.90
CA GLY B 82 1.92 12.92 -12.58
C GLY B 82 0.90 13.38 -11.53
N PRO B 83 1.32 13.40 -10.28
CA PRO B 83 0.48 13.82 -9.17
C PRO B 83 -0.06 15.22 -9.36
N LYS B 84 0.80 16.14 -9.78
CA LYS B 84 0.45 17.53 -10.03
C LYS B 84 -0.78 17.62 -10.92
N LEU B 85 -0.75 16.88 -12.03
CA LEU B 85 -1.81 16.83 -12.99
C LEU B 85 -3.01 16.03 -12.52
N ALA B 86 -2.82 14.93 -11.81
CA ALA B 86 -3.94 14.13 -11.30
C ALA B 86 -4.74 14.93 -10.27
N LEU B 87 -4.07 15.79 -9.52
CA LEU B 87 -4.72 16.67 -8.56
C LEU B 87 -5.77 17.48 -9.31
N ALA B 88 -5.43 18.04 -10.47
CA ALA B 88 -6.39 18.80 -11.28
C ALA B 88 -7.55 17.97 -11.77
N ILE B 89 -7.35 16.72 -12.17
CA ILE B 89 -8.49 15.90 -12.60
C ILE B 89 -9.51 15.77 -11.47
N LEU B 90 -9.07 15.73 -10.20
CA LEU B 90 -10.01 15.66 -9.09
C LEU B 90 -10.24 17.05 -8.49
N SER B 91 -9.48 18.06 -8.89
CA SER B 91 -9.62 19.43 -8.44
C SER B 91 -10.60 20.17 -9.34
N GLY B 92 -10.40 19.99 -10.65
CA GLY B 92 -11.22 20.59 -11.70
C GLY B 92 -12.58 19.92 -11.85
N MET B 93 -12.70 18.66 -11.48
CA MET B 93 -13.99 17.97 -11.59
C MET B 93 -14.06 16.87 -10.54
N SER B 94 -15.25 16.57 -10.05
CA SER B 94 -15.41 15.56 -9.01
C SER B 94 -14.94 14.20 -9.52
N ALA B 95 -14.90 13.25 -8.59
CA ALA B 95 -14.56 11.87 -8.91
C ALA B 95 -15.64 11.25 -9.76
N GLN B 96 -16.90 11.46 -9.38
CA GLN B 96 -18.04 10.89 -10.08
C GLN B 96 -18.11 11.26 -11.56
N GLN B 97 -17.94 12.54 -11.86
CA GLN B 97 -17.93 13.04 -13.23
C GLN B 97 -16.97 12.23 -14.10
N PHE B 98 -15.69 12.27 -13.79
CA PHE B 98 -14.62 11.57 -14.46
C PHE B 98 -14.91 10.12 -14.84
N VAL B 99 -15.42 9.29 -13.93
CA VAL B 99 -15.65 7.88 -14.27
C VAL B 99 -16.71 7.70 -15.34
N ASN B 100 -17.70 8.59 -15.41
CA ASN B 100 -18.72 8.51 -16.46
C ASN B 100 -18.04 8.76 -17.81
N ALA B 101 -17.26 9.84 -17.86
CA ALA B 101 -16.51 10.26 -19.01
C ALA B 101 -15.69 9.13 -19.64
N VAL B 102 -15.01 8.33 -18.84
CA VAL B 102 -14.21 7.23 -19.38
C VAL B 102 -15.10 6.12 -19.92
N GLU B 103 -16.20 5.80 -19.25
CA GLU B 103 -17.11 4.75 -19.70
C GLU B 103 -17.93 5.16 -20.92
N ARG B 104 -18.23 6.43 -21.06
CA ARG B 104 -18.98 6.93 -22.20
C ARG B 104 -18.04 7.40 -23.30
N GLU B 105 -16.81 7.72 -22.94
CA GLU B 105 -15.77 8.16 -23.85
C GLU B 105 -15.89 9.60 -24.30
N GLU B 106 -16.40 10.49 -23.45
CA GLU B 106 -16.53 11.90 -23.81
C GLU B 106 -15.21 12.64 -23.67
N VAL B 107 -14.52 12.86 -24.78
CA VAL B 107 -13.24 13.55 -24.79
C VAL B 107 -13.37 15.06 -24.60
N GLY B 108 -14.51 15.64 -24.96
CA GLY B 108 -14.74 17.06 -24.81
C GLY B 108 -14.61 17.55 -23.36
N ALA B 109 -15.17 16.79 -22.43
CA ALA B 109 -15.15 17.13 -21.01
C ALA B 109 -13.77 17.40 -20.44
N LEU B 110 -12.85 16.45 -20.62
CA LEU B 110 -11.52 16.52 -20.05
C LEU B 110 -10.54 17.47 -20.71
N VAL B 111 -10.87 18.06 -21.85
CA VAL B 111 -9.92 18.95 -22.53
C VAL B 111 -9.92 20.35 -21.94
N LYS B 112 -11.00 20.75 -21.29
CA LYS B 112 -11.10 22.07 -20.66
C LYS B 112 -10.14 22.23 -19.49
N LEU B 113 -9.92 21.16 -18.73
CA LEU B 113 -9.06 21.18 -17.56
C LEU B 113 -7.67 21.75 -17.84
N PRO B 114 -6.95 22.09 -16.78
CA PRO B 114 -5.62 22.67 -16.88
C PRO B 114 -4.68 21.79 -17.68
N GLY B 115 -3.79 22.40 -18.44
CA GLY B 115 -2.82 21.77 -19.31
C GLY B 115 -2.72 20.26 -19.30
N ILE B 116 -3.74 19.57 -19.79
CA ILE B 116 -3.76 18.12 -19.79
C ILE B 116 -3.05 17.56 -21.02
N GLY B 117 -3.71 17.68 -22.16
CA GLY B 117 -3.22 17.19 -23.44
C GLY B 117 -4.43 16.71 -24.24
N LYS B 118 -4.54 17.15 -25.49
CA LYS B 118 -5.66 16.77 -26.34
C LYS B 118 -5.54 15.30 -26.73
N LYS B 119 -4.31 14.83 -26.92
CA LYS B 119 -4.03 13.44 -27.22
C LYS B 119 -3.99 12.66 -25.90
N THR B 120 -3.59 13.36 -24.82
CA THR B 120 -3.54 12.74 -23.49
C THR B 120 -4.96 12.61 -22.94
N ALA B 121 -5.86 13.49 -23.38
CA ALA B 121 -7.29 13.39 -23.05
C ALA B 121 -7.78 12.06 -23.63
N GLU B 122 -7.45 11.81 -24.90
CA GLU B 122 -7.75 10.55 -25.55
C GLU B 122 -7.07 9.40 -24.80
N ARG B 123 -5.79 9.59 -24.51
CA ARG B 123 -5.00 8.61 -23.77
C ARG B 123 -5.67 8.21 -22.45
N LEU B 124 -6.08 9.21 -21.68
CA LEU B 124 -6.73 8.96 -20.40
C LEU B 124 -7.92 8.04 -20.58
N ILE B 125 -8.91 8.45 -21.38
CA ILE B 125 -10.09 7.62 -21.61
C ILE B 125 -9.71 6.19 -21.99
N VAL B 126 -8.92 6.03 -23.06
CA VAL B 126 -8.47 4.71 -23.49
C VAL B 126 -7.87 3.94 -22.33
N GLU B 127 -6.80 4.48 -21.75
CA GLU B 127 -6.07 3.84 -20.66
C GLU B 127 -6.88 3.62 -19.39
N MET B 128 -7.70 4.58 -18.97
CA MET B 128 -8.47 4.45 -17.75
C MET B 128 -9.49 3.34 -17.74
N LYS B 129 -10.21 3.13 -18.85
CA LYS B 129 -11.24 2.10 -18.92
C LYS B 129 -10.72 0.69 -18.68
N ASP B 130 -9.53 0.35 -19.15
CA ASP B 130 -8.97 -0.97 -18.92
C ASP B 130 -8.86 -1.25 -17.42
N ARG B 131 -8.34 -0.28 -16.67
CA ARG B 131 -8.14 -0.39 -15.24
C ARG B 131 -9.42 -0.33 -14.42
N PHE B 132 -10.45 0.34 -14.92
CA PHE B 132 -11.71 0.50 -14.22
C PHE B 132 -12.51 -0.76 -13.98
N LYS B 133 -12.32 -1.81 -14.77
CA LYS B 133 -13.05 -3.06 -14.61
C LYS B 133 -12.37 -4.02 -13.64
N GLY B 134 -11.30 -3.58 -12.99
CA GLY B 134 -10.59 -4.42 -12.03
C GLY B 134 -10.51 -3.75 -10.67
N LEU B 135 -11.67 -3.49 -10.07
CA LEU B 135 -11.72 -2.87 -8.75
C LEU B 135 -13.12 -2.85 -8.17
N HIS B 136 -13.27 -2.14 -7.05
CA HIS B 136 -14.51 -2.01 -6.31
C HIS B 136 -14.54 -0.70 -5.52
N GLY B 137 -15.72 -0.22 -5.18
CA GLY B 137 -15.82 1.02 -4.42
C GLY B 137 -17.20 1.66 -4.42
N ASP B 138 -17.39 2.61 -3.49
CA ASP B 138 -18.64 3.35 -3.38
C ASP B 138 -18.83 4.22 -4.62
N LEU B 139 -17.73 4.78 -5.15
CA LEU B 139 -17.78 5.57 -6.38
C LEU B 139 -18.16 4.68 -7.56
N PHE B 140 -17.70 3.43 -7.57
CA PHE B 140 -18.04 2.50 -8.64
C PHE B 140 -17.37 2.89 -9.95
#